data_4YAI
#
_entry.id   4YAI
#
_cell.length_a   125.719
_cell.length_b   72.714
_cell.length_c   58.874
_cell.angle_alpha   90.00
_cell.angle_beta   105.17
_cell.angle_gamma   90.00
#
_symmetry.space_group_name_H-M   'C 1 2 1'
#
loop_
_entity.id
_entity.type
_entity.pdbx_description
1 polymer 'C alpha-dehydrogenase'
2 non-polymer '1,4-DIHYDRONICOTINAMIDE ADENINE DINUCLEOTIDE'
3 non-polymer 'MAGNESIUM ION'
4 non-polymer (1S,2R)-1-(4-hydroxy-3-methoxyphenyl)-2-(2-methoxyphenoxy)propane-1,3-diol
5 water water
#
_entity_poly.entity_id   1
_entity_poly.type   'polypeptide(L)'
_entity_poly.pdbx_seq_one_letter_code
;MDIAGTTAFITGGASGIGFGIAQRLLANGARLVLADIRQDHLDEARQFFEERQQGRNVHTIRLDVSDRAQMAEAARECEA
VMGGPDILINNAGIDPSGPFKDATYQDWDYGLAINLMGPINGIMAFTPGMRARGRGGHIVNTASLAGLTPMPSFMAIYAT
AKAAVITLTETIRDSMAEDNIGVTVLMPGPIKSRIHESGQNRPERFRAGSGLAETEQQLAKRVVADNWMEPTEVGDMIVD
AIVHNKLYVSTHGNWRETCEARFQALLDSMPEARPFDFGASLAVPKEEA
;
_entity_poly.pdbx_strand_id   A,B
#
# COMPACT_ATOMS: atom_id res chain seq x y z
N MET A 1 19.65 -16.98 10.29
CA MET A 1 19.34 -18.40 10.60
C MET A 1 20.05 -19.37 9.66
N ASP A 2 20.25 -20.59 10.14
CA ASP A 2 20.84 -21.66 9.36
C ASP A 2 19.85 -22.24 8.33
N ILE A 3 20.26 -22.32 7.08
CA ILE A 3 19.39 -22.79 6.00
C ILE A 3 19.40 -24.32 5.87
N ALA A 4 20.48 -24.97 6.29
CA ALA A 4 20.60 -26.42 6.12
C ALA A 4 19.46 -27.18 6.81
N GLY A 5 18.76 -28.01 6.04
CA GLY A 5 17.72 -28.87 6.58
C GLY A 5 16.34 -28.24 6.64
N THR A 6 16.26 -26.94 6.37
CA THR A 6 14.98 -26.22 6.41
C THR A 6 14.13 -26.55 5.19
N THR A 7 12.87 -26.11 5.25
CA THR A 7 11.97 -26.10 4.10
C THR A 7 11.60 -24.65 3.78
N ALA A 8 11.74 -24.28 2.51
CA ALA A 8 11.38 -22.95 2.03
C ALA A 8 10.17 -23.04 1.12
N PHE A 9 9.16 -22.24 1.44
CA PHE A 9 7.95 -22.10 0.64
C PHE A 9 8.09 -20.81 -0.18
N ILE A 10 8.11 -20.95 -1.50
CA ILE A 10 8.43 -19.82 -2.39
C ILE A 10 7.32 -19.58 -3.37
N THR A 11 6.61 -18.46 -3.22
CA THR A 11 5.59 -18.12 -4.20
C THR A 11 6.27 -17.52 -5.43
N GLY A 12 5.73 -17.80 -6.60
CA GLY A 12 6.42 -17.46 -7.84
C GLY A 12 7.76 -18.16 -7.95
N GLY A 13 7.86 -19.35 -7.34
CA GLY A 13 9.15 -20.02 -7.24
C GLY A 13 9.58 -20.76 -8.49
N ALA A 14 8.72 -20.78 -9.50
CA ALA A 14 8.96 -21.56 -10.73
C ALA A 14 9.48 -20.72 -11.90
N SER A 15 9.75 -19.44 -11.64
CA SER A 15 10.29 -18.56 -12.68
C SER A 15 11.07 -17.42 -12.06
N GLY A 16 11.94 -16.81 -12.87
CA GLY A 16 12.57 -15.55 -12.53
C GLY A 16 13.28 -15.52 -11.19
N ILE A 17 13.06 -14.43 -10.45
CA ILE A 17 13.72 -14.23 -9.16
C ILE A 17 13.45 -15.36 -8.19
N GLY A 18 12.19 -15.79 -8.12
CA GLY A 18 11.80 -16.86 -7.22
C GLY A 18 12.56 -18.15 -7.51
N PHE A 19 12.75 -18.45 -8.78
CA PHE A 19 13.46 -19.65 -9.18
C PHE A 19 14.97 -19.51 -8.89
N GLY A 20 15.51 -18.31 -9.04
CA GLY A 20 16.88 -18.06 -8.64
C GLY A 20 17.07 -18.28 -7.14
N ILE A 21 16.13 -17.76 -6.36
CA ILE A 21 16.17 -17.97 -4.91
C ILE A 21 16.04 -19.46 -4.60
N ALA A 22 15.12 -20.13 -5.28
CA ALA A 22 14.96 -21.57 -5.12
C ALA A 22 16.27 -22.33 -5.32
N GLN A 23 16.96 -22.04 -6.41
CA GLN A 23 18.22 -22.72 -6.70
C GLN A 23 19.27 -22.53 -5.62
N ARG A 24 19.43 -21.29 -5.14
CA ARG A 24 20.47 -21.02 -4.16
C ARG A 24 20.08 -21.54 -2.77
N LEU A 25 18.79 -21.51 -2.42
CA LEU A 25 18.40 -22.10 -1.15
C LEU A 25 18.64 -23.60 -1.15
N LEU A 26 18.27 -24.29 -2.23
CA LEU A 26 18.55 -25.72 -2.35
C LEU A 26 20.04 -26.01 -2.25
N ALA A 27 20.84 -25.16 -2.91
CA ALA A 27 22.30 -25.31 -2.90
C ALA A 27 22.86 -25.19 -1.49
N ASN A 28 22.16 -24.43 -0.65
CA ASN A 28 22.54 -24.26 0.75
C ASN A 28 21.77 -25.17 1.71
N GLY A 29 21.14 -26.21 1.17
CA GLY A 29 20.62 -27.30 1.98
C GLY A 29 19.15 -27.28 2.33
N ALA A 30 18.40 -26.35 1.75
CA ALA A 30 16.97 -26.31 1.99
C ALA A 30 16.23 -27.24 1.06
N ARG A 31 15.10 -27.77 1.55
CA ARG A 31 14.11 -28.38 0.68
C ARG A 31 13.15 -27.30 0.22
N LEU A 32 12.49 -27.53 -0.90
CA LEU A 32 11.65 -26.51 -1.54
C LEU A 32 10.19 -26.89 -1.76
N VAL A 33 9.31 -25.92 -1.53
CA VAL A 33 7.96 -25.98 -2.05
C VAL A 33 7.78 -24.76 -2.94
N LEU A 34 7.59 -25.01 -4.24
CA LEU A 34 7.40 -23.93 -5.20
C LEU A 34 5.91 -23.79 -5.47
N ALA A 35 5.38 -22.61 -5.15
CA ALA A 35 3.97 -22.29 -5.36
C ALA A 35 3.84 -21.27 -6.49
N ASP A 36 3.02 -21.59 -7.49
CA ASP A 36 2.95 -20.77 -8.70
C ASP A 36 1.61 -20.98 -9.38
N ILE A 37 1.13 -19.95 -10.07
CA ILE A 37 -0.16 -20.01 -10.73
C ILE A 37 -0.04 -20.65 -12.12
N ARG A 38 1.18 -20.78 -12.62
CA ARG A 38 1.43 -21.28 -13.97
C ARG A 38 1.90 -22.73 -13.94
N GLN A 39 1.06 -23.63 -14.40
CA GLN A 39 1.40 -25.04 -14.39
C GLN A 39 2.61 -25.33 -15.27
N ASP A 40 2.73 -24.65 -16.41
CA ASP A 40 3.84 -24.94 -17.30
C ASP A 40 5.16 -24.49 -16.66
N HIS A 41 5.15 -23.38 -15.92
CA HIS A 41 6.33 -22.96 -15.17
C HIS A 41 6.71 -24.01 -14.12
N LEU A 42 5.71 -24.52 -13.41
CA LEU A 42 5.95 -25.53 -12.38
C LEU A 42 6.57 -26.79 -12.99
N ASP A 43 6.05 -27.21 -14.14
CA ASP A 43 6.56 -28.40 -14.80
C ASP A 43 8.00 -28.21 -15.27
N GLU A 44 8.32 -27.03 -15.76
CA GLU A 44 9.66 -26.72 -16.21
C GLU A 44 10.63 -26.74 -15.03
N ALA A 45 10.23 -26.14 -13.92
CA ALA A 45 11.01 -26.12 -12.70
C ALA A 45 11.25 -27.53 -12.20
N ARG A 46 10.21 -28.36 -12.24
CA ARG A 46 10.30 -29.76 -11.86
C ARG A 46 11.36 -30.48 -12.68
N GLN A 47 11.30 -30.33 -14.00
CA GLN A 47 12.26 -30.97 -14.88
C GLN A 47 13.69 -30.51 -14.62
N PHE A 48 13.84 -29.22 -14.37
CA PHE A 48 15.16 -28.64 -14.10
C PHE A 48 15.80 -29.34 -12.90
N PHE A 49 15.04 -29.51 -11.82
CA PHE A 49 15.60 -30.13 -10.62
C PHE A 49 15.69 -31.64 -10.75
N GLU A 50 14.81 -32.24 -11.55
CA GLU A 50 14.92 -33.66 -11.84
C GLU A 50 16.18 -33.96 -12.63
N GLU A 51 16.48 -33.12 -13.61
CA GLU A 51 17.66 -33.33 -14.45
C GLU A 51 18.94 -33.21 -13.62
N ARG A 52 18.83 -32.57 -12.47
CA ARG A 52 19.96 -32.39 -11.57
C ARG A 52 19.84 -33.29 -10.35
N GLN A 53 18.97 -34.29 -10.44
CA GLN A 53 18.88 -35.34 -9.44
C GLN A 53 18.58 -34.78 -8.05
N GLN A 54 17.75 -33.74 -8.01
CA GLN A 54 17.32 -33.12 -6.76
C GLN A 54 15.81 -33.08 -6.63
N GLY A 55 15.11 -33.84 -7.47
CA GLY A 55 13.66 -33.82 -7.48
C GLY A 55 12.98 -34.19 -6.17
N ARG A 56 13.60 -35.07 -5.39
CA ARG A 56 12.99 -35.49 -4.13
C ARG A 56 12.88 -34.34 -3.12
N ASN A 57 13.62 -33.27 -3.36
CA ASN A 57 13.66 -32.15 -2.41
C ASN A 57 12.90 -30.95 -2.93
N VAL A 58 12.06 -31.18 -3.93
CA VAL A 58 11.27 -30.10 -4.53
C VAL A 58 9.83 -30.56 -4.75
N HIS A 59 8.89 -29.86 -4.10
CA HIS A 59 7.47 -30.14 -4.25
C HIS A 59 6.83 -28.91 -4.91
N THR A 60 5.88 -29.13 -5.81
CA THR A 60 5.21 -28.04 -6.49
C THR A 60 3.73 -28.00 -6.13
N ILE A 61 3.22 -26.79 -5.95
CA ILE A 61 1.80 -26.53 -5.69
C ILE A 61 1.35 -25.44 -6.63
N ARG A 62 0.30 -25.72 -7.39
CA ARG A 62 -0.32 -24.71 -8.23
C ARG A 62 -1.34 -23.95 -7.42
N LEU A 63 -1.18 -22.63 -7.33
CA LEU A 63 -2.11 -21.82 -6.60
C LEU A 63 -2.02 -20.36 -7.00
N ASP A 64 -3.03 -19.62 -6.57
CA ASP A 64 -3.14 -18.18 -6.71
C ASP A 64 -2.96 -17.58 -5.32
N VAL A 65 -1.90 -16.79 -5.13
CA VAL A 65 -1.61 -16.26 -3.80
C VAL A 65 -2.70 -15.33 -3.28
N SER A 66 -3.60 -14.86 -4.15
CA SER A 66 -4.68 -13.99 -3.70
C SER A 66 -5.94 -14.77 -3.33
N ASP A 67 -5.85 -16.09 -3.31
CA ASP A 67 -6.96 -16.96 -2.92
C ASP A 67 -6.63 -17.47 -1.52
N ARG A 68 -7.28 -16.90 -0.51
CA ARG A 68 -6.94 -17.21 0.87
C ARG A 68 -7.20 -18.67 1.24
N ALA A 69 -8.25 -19.25 0.69
CA ALA A 69 -8.54 -20.66 0.94
C ALA A 69 -7.41 -21.53 0.38
N GLN A 70 -6.93 -21.20 -0.82
CA GLN A 70 -5.84 -21.97 -1.41
C GLN A 70 -4.56 -21.80 -0.60
N MET A 71 -4.35 -20.62 -0.03
CA MET A 71 -3.17 -20.40 0.77
C MET A 71 -3.24 -21.18 2.10
N ALA A 72 -4.43 -21.26 2.70
CA ALA A 72 -4.60 -22.07 3.90
C ALA A 72 -4.33 -23.54 3.59
N GLU A 73 -4.81 -23.99 2.43
CA GLU A 73 -4.55 -25.34 1.95
C GLU A 73 -3.07 -25.56 1.77
N ALA A 74 -2.41 -24.59 1.15
CA ALA A 74 -0.98 -24.66 0.90
C ALA A 74 -0.18 -24.76 2.18
N ALA A 75 -0.61 -24.05 3.23
CA ALA A 75 0.10 -24.14 4.50
C ALA A 75 -0.01 -25.57 5.06
N ARG A 76 -1.18 -26.17 4.96
CA ARG A 76 -1.35 -27.55 5.41
C ARG A 76 -0.54 -28.51 4.55
N GLU A 77 -0.60 -28.34 3.23
CA GLU A 77 0.10 -29.25 2.32
C GLU A 77 1.60 -29.15 2.49
N CYS A 78 2.11 -27.93 2.62
CA CYS A 78 3.55 -27.73 2.82
C CYS A 78 4.02 -28.47 4.07
N GLU A 79 3.33 -28.27 5.18
CA GLU A 79 3.73 -28.86 6.44
C GLU A 79 3.67 -30.38 6.33
N ALA A 80 2.60 -30.90 5.74
CA ALA A 80 2.39 -32.33 5.68
C ALA A 80 3.36 -33.02 4.72
N VAL A 81 3.60 -32.41 3.57
CA VAL A 81 4.39 -33.05 2.52
C VAL A 81 5.89 -32.81 2.66
N MET A 82 6.31 -31.59 3.02
CA MET A 82 7.73 -31.24 3.06
C MET A 82 8.19 -30.69 4.41
N GLY A 83 7.25 -30.48 5.32
CA GLY A 83 7.55 -29.93 6.63
C GLY A 83 7.57 -28.42 6.65
N GLY A 84 7.36 -27.84 7.82
CA GLY A 84 7.49 -26.40 7.95
C GLY A 84 6.39 -25.62 7.24
N PRO A 85 6.74 -24.53 6.53
CA PRO A 85 8.10 -24.08 6.17
C PRO A 85 8.79 -23.31 7.29
N ASP A 86 10.12 -23.27 7.25
CA ASP A 86 10.90 -22.38 8.10
C ASP A 86 11.21 -21.04 7.42
N ILE A 87 11.23 -21.07 6.09
CA ILE A 87 11.53 -19.90 5.29
C ILE A 87 10.33 -19.65 4.38
N LEU A 88 9.81 -18.43 4.46
CA LEU A 88 8.65 -18.01 3.69
C LEU A 88 9.07 -16.91 2.72
N ILE A 89 8.96 -17.19 1.42
CA ILE A 89 9.36 -16.22 0.41
C ILE A 89 8.11 -15.79 -0.36
N ASN A 90 7.60 -14.61 0.00
CA ASN A 90 6.44 -14.03 -0.67
C ASN A 90 6.93 -13.22 -1.84
N ASN A 91 7.10 -13.88 -2.98
CA ASN A 91 7.82 -13.32 -4.11
C ASN A 91 6.97 -13.11 -5.36
N ALA A 92 5.89 -13.86 -5.51
CA ALA A 92 5.06 -13.74 -6.70
C ALA A 92 4.65 -12.28 -6.93
N GLY A 93 4.62 -11.86 -8.19
CA GLY A 93 4.16 -10.53 -8.51
C GLY A 93 3.89 -10.46 -9.98
N ILE A 94 3.16 -9.43 -10.37
CA ILE A 94 2.86 -9.20 -11.77
C ILE A 94 3.01 -7.71 -12.08
N ASP A 95 2.99 -7.40 -13.38
CA ASP A 95 3.10 -6.03 -13.87
C ASP A 95 1.74 -5.55 -14.39
N PRO A 96 1.04 -4.72 -13.61
CA PRO A 96 -0.27 -4.17 -13.96
C PRO A 96 -0.20 -2.77 -14.62
N SER A 97 0.94 -2.40 -15.17
CA SER A 97 1.14 -1.06 -15.69
C SER A 97 0.39 -0.78 -16.99
N GLY A 98 0.23 0.51 -17.29
CA GLY A 98 -0.46 0.94 -18.49
C GLY A 98 -0.89 2.39 -18.36
N PRO A 99 -1.38 2.98 -19.46
CA PRO A 99 -1.83 4.38 -19.41
C PRO A 99 -2.82 4.58 -18.27
N PHE A 100 -2.55 5.54 -17.40
CA PHE A 100 -3.30 5.63 -16.15
C PHE A 100 -4.80 5.83 -16.40
N LYS A 101 -5.14 6.58 -17.43
CA LYS A 101 -6.55 6.87 -17.70
C LYS A 101 -7.29 5.64 -18.23
N ASP A 102 -6.54 4.62 -18.63
CA ASP A 102 -7.15 3.39 -19.14
C ASP A 102 -7.41 2.39 -18.02
N ALA A 103 -6.67 2.51 -16.92
CA ALA A 103 -6.83 1.57 -15.80
C ALA A 103 -8.23 1.64 -15.21
N THR A 104 -8.78 0.47 -14.90
CA THR A 104 -10.11 0.34 -14.33
C THR A 104 -10.00 -0.20 -12.91
N TYR A 105 -11.14 -0.27 -12.23
CA TYR A 105 -11.18 -0.88 -10.91
C TYR A 105 -10.64 -2.33 -10.91
N GLN A 106 -10.89 -3.07 -11.99
CA GLN A 106 -10.39 -4.42 -12.11
C GLN A 106 -8.86 -4.45 -12.11
N ASP A 107 -8.25 -3.45 -12.72
CA ASP A 107 -6.80 -3.36 -12.76
C ASP A 107 -6.24 -3.00 -11.39
N TRP A 108 -6.89 -2.08 -10.67
CA TRP A 108 -6.49 -1.79 -9.29
C TRP A 108 -6.62 -3.02 -8.40
N ASP A 109 -7.76 -3.68 -8.49
CA ASP A 109 -8.03 -4.83 -7.63
C ASP A 109 -7.02 -5.96 -7.92
N TYR A 110 -6.75 -6.20 -9.20
CA TYR A 110 -5.75 -7.18 -9.62
C TYR A 110 -4.36 -6.85 -9.07
N GLY A 111 -3.90 -5.64 -9.34
CA GLY A 111 -2.58 -5.23 -8.93
C GLY A 111 -2.36 -5.29 -7.42
N LEU A 112 -3.34 -4.84 -6.66
CA LEU A 112 -3.22 -4.87 -5.21
C LEU A 112 -3.41 -6.29 -4.67
N ALA A 113 -4.29 -7.07 -5.28
CA ALA A 113 -4.51 -8.44 -4.82
C ALA A 113 -3.23 -9.25 -4.89
N ILE A 114 -2.53 -9.20 -6.02
CA ILE A 114 -1.36 -10.05 -6.18
C ILE A 114 -0.16 -9.47 -5.44
N ASN A 115 0.12 -8.20 -5.67
CA ASN A 115 1.39 -7.63 -5.21
C ASN A 115 1.38 -7.17 -3.73
N LEU A 116 0.21 -6.93 -3.15
CA LEU A 116 0.13 -6.54 -1.74
C LEU A 116 -0.60 -7.59 -0.91
N MET A 117 -1.78 -8.03 -1.33
CA MET A 117 -2.48 -9.02 -0.53
C MET A 117 -1.81 -10.40 -0.62
N GLY A 118 -1.07 -10.67 -1.69
CA GLY A 118 -0.36 -11.95 -1.78
C GLY A 118 0.59 -12.13 -0.59
N PRO A 119 1.49 -11.17 -0.38
CA PRO A 119 2.37 -11.27 0.80
C PRO A 119 1.62 -11.26 2.14
N ILE A 120 0.57 -10.45 2.27
CA ILE A 120 -0.22 -10.45 3.49
C ILE A 120 -0.84 -11.84 3.71
N ASN A 121 -1.41 -12.43 2.66
CA ASN A 121 -2.00 -13.76 2.79
C ASN A 121 -0.97 -14.80 3.21
N GLY A 122 0.24 -14.66 2.67
CA GLY A 122 1.34 -15.53 3.05
C GLY A 122 1.65 -15.40 4.52
N ILE A 123 1.75 -14.18 5.01
CA ILE A 123 2.03 -13.94 6.41
C ILE A 123 0.90 -14.54 7.27
N MET A 124 -0.34 -14.28 6.89
CA MET A 124 -1.46 -14.71 7.72
C MET A 124 -1.61 -16.23 7.72
N ALA A 125 -1.38 -16.86 6.57
CA ALA A 125 -1.56 -18.30 6.46
C ALA A 125 -0.42 -19.12 7.06
N PHE A 126 0.80 -18.59 7.01
CA PHE A 126 1.99 -19.37 7.35
C PHE A 126 2.65 -19.02 8.67
N THR A 127 2.59 -17.77 9.10
CA THR A 127 3.38 -17.43 10.28
C THR A 127 2.82 -17.98 11.60
N PRO A 128 1.50 -18.25 11.70
CA PRO A 128 1.12 -18.88 12.99
C PRO A 128 1.84 -20.21 13.22
N GLY A 129 1.99 -21.03 12.18
CA GLY A 129 2.67 -22.29 12.29
C GLY A 129 4.15 -22.11 12.53
N MET A 130 4.74 -21.11 11.89
CA MET A 130 6.15 -20.81 12.10
C MET A 130 6.44 -20.43 13.55
N ARG A 131 5.55 -19.66 14.16
CA ARG A 131 5.69 -19.34 15.58
C ARG A 131 5.51 -20.62 16.40
N ALA A 132 4.48 -21.39 16.09
CA ALA A 132 4.10 -22.53 16.91
C ALA A 132 5.20 -23.58 16.98
N ARG A 133 5.90 -23.79 15.87
CA ARG A 133 6.91 -24.84 15.80
C ARG A 133 8.16 -24.47 16.60
N GLY A 134 8.32 -23.17 16.84
CA GLY A 134 9.31 -22.69 17.79
C GLY A 134 10.76 -22.89 17.41
N ARG A 135 11.06 -23.05 16.12
CA ARG A 135 12.46 -23.16 15.70
C ARG A 135 12.88 -21.94 14.90
N GLY A 136 12.13 -20.86 15.03
CA GLY A 136 12.43 -19.63 14.33
C GLY A 136 12.12 -19.76 12.86
N GLY A 137 12.64 -18.84 12.06
CA GLY A 137 12.39 -18.86 10.64
C GLY A 137 12.74 -17.52 10.02
N HIS A 138 12.33 -17.34 8.77
CA HIS A 138 12.60 -16.10 8.08
C HIS A 138 11.56 -15.85 7.01
N ILE A 139 11.24 -14.58 6.80
CA ILE A 139 10.33 -14.14 5.76
C ILE A 139 11.05 -13.18 4.81
N VAL A 140 10.97 -13.47 3.51
CA VAL A 140 11.43 -12.53 2.48
C VAL A 140 10.23 -12.11 1.66
N ASN A 141 10.01 -10.79 1.57
CA ASN A 141 8.99 -10.22 0.70
C ASN A 141 9.66 -9.53 -0.47
N THR A 142 9.25 -9.86 -1.69
CA THR A 142 9.82 -9.19 -2.85
C THR A 142 9.00 -7.96 -3.18
N ALA A 143 9.57 -6.79 -2.91
CA ALA A 143 8.97 -5.53 -3.33
C ALA A 143 9.61 -5.12 -4.67
N SER A 144 10.16 -3.91 -4.73
CA SER A 144 10.81 -3.39 -5.92
C SER A 144 11.44 -2.06 -5.57
N LEU A 145 12.49 -1.67 -6.28
CA LEU A 145 12.97 -0.31 -6.15
C LEU A 145 11.92 0.68 -6.66
N ALA A 146 10.98 0.21 -7.46
CA ALA A 146 9.85 1.04 -7.88
C ALA A 146 8.91 1.42 -6.72
N GLY A 147 9.08 0.78 -5.57
CA GLY A 147 8.32 1.16 -4.39
C GLY A 147 9.00 2.26 -3.59
N LEU A 148 10.17 2.68 -4.05
CA LEU A 148 11.01 3.63 -3.33
C LEU A 148 11.36 4.88 -4.16
N THR A 149 11.85 4.67 -5.37
CA THR A 149 12.22 5.79 -6.23
C THR A 149 10.96 6.35 -6.91
N PRO A 150 10.93 7.67 -7.18
CA PRO A 150 9.70 8.19 -7.79
C PRO A 150 9.39 7.55 -9.14
N MET A 151 8.12 7.23 -9.35
CA MET A 151 7.67 6.52 -10.53
C MET A 151 6.59 7.33 -11.26
N PRO A 152 6.48 7.15 -12.58
CA PRO A 152 5.44 7.83 -13.36
C PRO A 152 4.08 7.14 -13.24
N SER A 153 3.03 7.83 -13.70
CA SER A 153 1.65 7.37 -13.51
C SER A 153 1.35 6.06 -14.22
N PHE A 154 2.11 5.78 -15.28
CA PHE A 154 2.00 4.51 -16.02
C PHE A 154 2.22 3.33 -15.08
N MET A 155 2.98 3.55 -14.01
CA MET A 155 3.30 2.48 -13.07
C MET A 155 2.67 2.70 -11.69
N ALA A 156 1.57 3.43 -11.65
CA ALA A 156 0.94 3.79 -10.37
C ALA A 156 0.50 2.59 -9.53
N ILE A 157 -0.16 1.62 -10.16
CA ILE A 157 -0.68 0.48 -9.40
C ILE A 157 0.47 -0.36 -8.84
N TYR A 158 1.48 -0.60 -9.67
CA TYR A 158 2.66 -1.35 -9.28
C TYR A 158 3.41 -0.65 -8.14
N ALA A 159 3.72 0.62 -8.33
CA ALA A 159 4.50 1.36 -7.34
C ALA A 159 3.79 1.43 -6.00
N THR A 160 2.49 1.69 -6.04
CA THR A 160 1.69 1.83 -4.83
C THR A 160 1.75 0.54 -4.00
N ALA A 161 1.56 -0.61 -4.65
CA ALA A 161 1.63 -1.89 -3.96
C ALA A 161 3.02 -2.17 -3.41
N LYS A 162 4.03 -1.92 -4.21
CA LYS A 162 5.39 -2.23 -3.80
C LYS A 162 5.86 -1.36 -2.63
N ALA A 163 5.49 -0.08 -2.60
CA ALA A 163 5.79 0.77 -1.45
C ALA A 163 5.18 0.19 -0.18
N ALA A 164 3.94 -0.28 -0.29
CA ALA A 164 3.23 -0.91 0.81
C ALA A 164 3.97 -2.14 1.33
N VAL A 165 4.53 -2.94 0.43
CA VAL A 165 5.22 -4.16 0.83
C VAL A 165 6.48 -3.83 1.63
N ILE A 166 7.18 -2.75 1.25
CA ILE A 166 8.34 -2.32 2.00
C ILE A 166 7.95 -1.98 3.45
N THR A 167 6.92 -1.15 3.60
CA THR A 167 6.48 -0.72 4.92
C THR A 167 5.92 -1.89 5.70
N LEU A 168 5.15 -2.76 5.04
CA LEU A 168 4.65 -3.98 5.68
C LEU A 168 5.79 -4.74 6.35
N THR A 169 6.87 -4.93 5.60
CA THR A 169 7.99 -5.72 6.08
C THR A 169 8.66 -5.04 7.27
N GLU A 170 8.85 -3.73 7.19
CA GLU A 170 9.42 -2.98 8.31
C GLU A 170 8.61 -3.15 9.57
N THR A 171 7.30 -3.01 9.43
CA THR A 171 6.43 -2.97 10.60
C THR A 171 6.26 -4.33 11.27
N ILE A 172 6.31 -5.42 10.50
CA ILE A 172 6.13 -6.72 11.12
C ILE A 172 7.38 -7.21 11.84
N ARG A 173 8.52 -6.54 11.65
CA ARG A 173 9.79 -7.05 12.15
C ARG A 173 9.75 -7.37 13.65
N ASP A 174 9.28 -6.43 14.46
CA ASP A 174 9.37 -6.64 15.91
C ASP A 174 8.44 -7.77 16.36
N SER A 175 7.28 -7.91 15.72
CA SER A 175 6.37 -9.01 16.07
C SER A 175 6.98 -10.37 15.74
N MET A 176 7.56 -10.48 14.55
CA MET A 176 8.14 -11.73 14.10
C MET A 176 9.34 -12.09 14.97
N ALA A 177 10.08 -11.07 15.39
CA ALA A 177 11.28 -11.29 16.21
C ALA A 177 10.94 -11.94 17.55
N GLU A 178 9.70 -11.76 18.02
CA GLU A 178 9.26 -12.37 19.28
C GLU A 178 9.46 -13.88 19.23
N ASP A 179 9.33 -14.44 18.03
CA ASP A 179 9.43 -15.87 17.83
C ASP A 179 10.62 -16.25 16.96
N ASN A 180 11.64 -15.37 16.98
CA ASN A 180 12.90 -15.62 16.30
C ASN A 180 12.70 -15.84 14.81
N ILE A 181 11.72 -15.12 14.26
CA ILE A 181 11.50 -15.06 12.82
C ILE A 181 12.02 -13.72 12.31
N GLY A 182 13.04 -13.77 11.46
CA GLY A 182 13.57 -12.55 10.86
C GLY A 182 12.84 -12.19 9.58
N VAL A 183 12.97 -10.95 9.14
CA VAL A 183 12.31 -10.50 7.92
C VAL A 183 13.25 -9.69 7.03
N THR A 184 12.98 -9.80 5.72
CA THR A 184 13.75 -9.10 4.68
C THR A 184 12.81 -8.60 3.62
N VAL A 185 12.98 -7.34 3.20
CA VAL A 185 12.33 -6.91 1.96
C VAL A 185 13.40 -6.77 0.89
N LEU A 186 13.16 -7.50 -0.19
CA LEU A 186 13.96 -7.49 -1.39
C LEU A 186 13.43 -6.42 -2.35
N MET A 187 14.32 -5.52 -2.76
CA MET A 187 13.98 -4.43 -3.68
C MET A 187 14.84 -4.52 -4.94
N PRO A 188 14.36 -5.25 -5.96
CA PRO A 188 15.18 -5.37 -7.16
C PRO A 188 15.08 -4.21 -8.14
N GLY A 189 16.16 -4.04 -8.89
CA GLY A 189 16.15 -3.36 -10.17
C GLY A 189 15.96 -4.41 -11.25
N PRO A 190 16.43 -4.15 -12.48
CA PRO A 190 16.15 -5.06 -13.61
C PRO A 190 16.82 -6.44 -13.49
N ILE A 191 16.00 -7.48 -13.34
CA ILE A 191 16.46 -8.86 -13.27
C ILE A 191 15.88 -9.63 -14.46
N LYS A 192 16.68 -10.49 -15.07
CA LYS A 192 16.17 -11.37 -16.12
C LYS A 192 15.05 -12.26 -15.55
N SER A 193 13.89 -12.22 -16.18
CA SER A 193 12.75 -13.02 -15.72
C SER A 193 11.68 -13.12 -16.81
N ARG A 194 10.52 -13.63 -16.43
CA ARG A 194 9.41 -13.78 -17.37
C ARG A 194 8.19 -12.94 -16.94
N ILE A 195 8.45 -11.85 -16.22
CA ILE A 195 7.37 -11.00 -15.73
C ILE A 195 6.61 -10.36 -16.91
N HIS A 196 7.22 -10.38 -18.08
CA HIS A 196 6.56 -9.86 -19.28
C HIS A 196 5.38 -10.76 -19.69
N GLU A 197 5.28 -11.93 -19.09
CA GLU A 197 4.15 -12.82 -19.33
C GLU A 197 3.00 -12.51 -18.36
N SER A 198 3.04 -11.35 -17.71
CA SER A 198 2.07 -11.03 -16.67
C SER A 198 0.62 -11.15 -17.16
N GLY A 199 0.38 -10.82 -18.42
CA GLY A 199 -0.97 -10.94 -18.98
C GLY A 199 -1.49 -12.36 -18.83
N GLN A 200 -0.62 -13.34 -19.08
CA GLN A 200 -0.99 -14.75 -18.94
C GLN A 200 -1.27 -15.14 -17.49
N ASN A 201 -0.67 -14.41 -16.56
CA ASN A 201 -0.71 -14.79 -15.17
C ASN A 201 -1.86 -14.14 -14.41
N ARG A 202 -2.51 -13.16 -15.03
CA ARG A 202 -3.66 -12.49 -14.43
C ARG A 202 -4.74 -13.52 -14.13
N PRO A 203 -5.17 -13.62 -12.85
CA PRO A 203 -6.24 -14.59 -12.57
C PRO A 203 -7.50 -14.28 -13.37
N GLU A 204 -8.29 -15.31 -13.64
CA GLU A 204 -9.45 -15.18 -14.53
C GLU A 204 -10.42 -14.09 -14.07
N ARG A 205 -10.64 -13.98 -12.77
CA ARG A 205 -11.68 -13.10 -12.27
C ARG A 205 -11.35 -11.62 -12.46
N PHE A 206 -10.09 -11.31 -12.79
CA PHE A 206 -9.69 -9.91 -13.00
C PHE A 206 -9.61 -9.52 -14.49
N ARG A 207 -9.96 -10.45 -15.38
CA ARG A 207 -9.78 -10.23 -16.81
C ARG A 207 -10.90 -9.40 -17.44
N ALA A 208 -12.15 -9.77 -17.19
CA ALA A 208 -13.27 -9.04 -17.75
C ALA A 208 -13.34 -7.63 -17.16
N GLY A 209 -13.36 -6.63 -18.03
CA GLY A 209 -13.46 -5.24 -17.58
C GLY A 209 -12.13 -4.58 -17.28
N SER A 210 -11.04 -5.29 -17.54
CA SER A 210 -9.72 -4.68 -17.52
C SER A 210 -9.58 -3.69 -18.67
N GLY A 211 -8.77 -2.66 -18.48
CA GLY A 211 -8.55 -1.67 -19.52
C GLY A 211 -7.17 -1.75 -20.14
N LEU A 212 -6.42 -2.78 -19.76
CA LEU A 212 -4.99 -2.85 -20.10
C LEU A 212 -4.62 -4.10 -20.88
N ALA A 213 -5.59 -4.74 -21.53
CA ALA A 213 -5.28 -5.95 -22.30
C ALA A 213 -4.28 -5.64 -23.40
N GLU A 214 -4.43 -4.47 -24.04
CA GLU A 214 -3.55 -4.08 -25.13
C GLU A 214 -2.12 -3.90 -24.63
N THR A 215 -1.99 -3.30 -23.45
CA THR A 215 -0.67 -3.11 -22.84
C THR A 215 -0.04 -4.46 -22.49
N GLU A 216 -0.83 -5.37 -21.96
CA GLU A 216 -0.32 -6.69 -21.58
C GLU A 216 0.16 -7.45 -22.82
N GLN A 217 -0.49 -7.21 -23.94
CA GLN A 217 -0.13 -7.87 -25.19
C GLN A 217 1.20 -7.32 -25.74
N GLN A 218 1.41 -6.02 -25.57
CA GLN A 218 2.67 -5.41 -25.98
C GLN A 218 3.78 -5.92 -25.08
N LEU A 219 3.49 -5.96 -23.78
CA LEU A 219 4.45 -6.39 -22.78
C LEU A 219 4.97 -7.80 -23.08
N ALA A 220 4.08 -8.68 -23.52
CA ALA A 220 4.44 -10.07 -23.80
C ALA A 220 5.56 -10.17 -24.85
N LYS A 221 5.71 -9.14 -25.67
CA LYS A 221 6.69 -9.13 -26.76
C LYS A 221 8.04 -8.54 -26.35
N ARG A 222 8.13 -8.04 -25.12
CA ARG A 222 9.35 -7.37 -24.66
C ARG A 222 10.52 -8.35 -24.49
N VAL A 223 11.66 -7.98 -25.04
CA VAL A 223 12.85 -8.81 -24.99
C VAL A 223 13.58 -8.60 -23.67
N VAL A 224 14.00 -9.70 -23.03
CA VAL A 224 14.78 -9.64 -21.82
C VAL A 224 16.23 -9.27 -22.16
N ALA A 225 16.72 -8.17 -21.58
CA ALA A 225 18.04 -7.65 -21.90
C ALA A 225 19.16 -8.53 -21.34
N ASP A 226 20.24 -8.65 -22.08
CA ASP A 226 21.37 -9.49 -21.67
C ASP A 226 22.09 -8.94 -20.44
N ASN A 227 22.00 -7.63 -20.23
CA ASN A 227 22.73 -6.99 -19.14
C ASN A 227 21.90 -6.86 -17.87
N TRP A 228 20.69 -7.41 -17.87
CA TRP A 228 19.93 -7.49 -16.64
C TRP A 228 20.57 -8.56 -15.75
N MET A 229 20.35 -8.45 -14.45
CA MET A 229 21.00 -9.34 -13.49
C MET A 229 20.43 -10.75 -13.55
N GLU A 230 21.26 -11.74 -13.26
CA GLU A 230 20.82 -13.13 -13.23
C GLU A 230 20.04 -13.40 -11.95
N PRO A 231 18.90 -14.11 -12.06
CA PRO A 231 18.20 -14.49 -10.83
C PRO A 231 19.05 -15.20 -9.77
N THR A 232 20.04 -16.00 -10.16
CA THR A 232 20.83 -16.69 -9.16
C THR A 232 21.70 -15.73 -8.37
N GLU A 233 22.07 -14.60 -8.98
CA GLU A 233 22.82 -13.59 -8.22
C GLU A 233 21.93 -12.97 -7.14
N VAL A 234 20.67 -12.72 -7.48
CA VAL A 234 19.70 -12.26 -6.49
C VAL A 234 19.51 -13.35 -5.42
N GLY A 235 19.48 -14.60 -5.85
CA GLY A 235 19.35 -15.71 -4.92
C GLY A 235 20.43 -15.70 -3.84
N ASP A 236 21.67 -15.45 -4.25
CA ASP A 236 22.78 -15.44 -3.30
C ASP A 236 22.66 -14.25 -2.35
N MET A 237 22.15 -13.11 -2.84
CA MET A 237 21.89 -11.98 -1.95
C MET A 237 20.89 -12.35 -0.88
N ILE A 238 19.89 -13.14 -1.25
CA ILE A 238 18.85 -13.55 -0.32
C ILE A 238 19.38 -14.63 0.65
N VAL A 239 20.24 -15.52 0.19
CA VAL A 239 20.91 -16.44 1.11
C VAL A 239 21.62 -15.62 2.21
N ASP A 240 22.38 -14.60 1.81
CA ASP A 240 23.10 -13.76 2.76
C ASP A 240 22.12 -13.06 3.72
N ALA A 241 21.00 -12.61 3.19
CA ALA A 241 20.02 -11.88 4.00
C ALA A 241 19.36 -12.77 5.05
N ILE A 242 19.12 -14.03 4.70
CA ILE A 242 18.54 -14.98 5.63
C ILE A 242 19.55 -15.36 6.70
N VAL A 243 20.78 -15.64 6.28
CA VAL A 243 21.83 -16.04 7.21
C VAL A 243 22.12 -14.92 8.22
N HIS A 244 22.16 -13.68 7.73
CA HIS A 244 22.55 -12.55 8.57
C HIS A 244 21.40 -11.65 9.04
N ASN A 245 20.17 -12.07 8.75
CA ASN A 245 18.97 -11.34 9.15
C ASN A 245 19.01 -9.86 8.76
N LYS A 246 19.17 -9.63 7.46
CA LYS A 246 19.24 -8.27 6.91
C LYS A 246 17.85 -7.76 6.51
N LEU A 247 17.46 -6.61 7.04
CA LEU A 247 16.14 -6.08 6.76
C LEU A 247 15.98 -5.68 5.28
N TYR A 248 17.00 -5.04 4.73
CA TYR A 248 16.89 -4.52 3.38
C TYR A 248 17.92 -5.16 2.44
N VAL A 249 17.45 -5.57 1.27
CA VAL A 249 18.32 -5.97 0.17
C VAL A 249 17.91 -5.23 -1.10
N SER A 250 18.85 -4.49 -1.68
CA SER A 250 18.64 -3.88 -2.98
C SER A 250 19.64 -4.45 -3.95
N THR A 251 19.20 -4.77 -5.16
CA THR A 251 20.08 -5.42 -6.13
C THR A 251 20.89 -4.44 -7.00
N HIS A 252 20.44 -3.20 -7.07
CA HIS A 252 21.02 -2.20 -7.95
C HIS A 252 21.17 -0.86 -7.25
N GLY A 253 22.17 -0.09 -7.68
CA GLY A 253 22.43 1.21 -7.10
C GLY A 253 22.05 2.38 -8.01
N ASN A 254 21.43 2.07 -9.14
CA ASN A 254 21.18 3.05 -10.19
C ASN A 254 20.22 4.16 -9.79
N TRP A 255 19.43 3.92 -8.75
CA TRP A 255 18.40 4.87 -8.30
C TRP A 255 18.76 5.50 -6.96
N ARG A 256 20.04 5.46 -6.60
CA ARG A 256 20.49 6.10 -5.37
C ARG A 256 20.17 7.60 -5.39
N GLU A 257 20.55 8.30 -6.47
CA GLU A 257 20.37 9.74 -6.50
C GLU A 257 18.91 10.17 -6.63
N THR A 258 18.13 9.42 -7.39
CA THR A 258 16.71 9.74 -7.51
C THR A 258 16.00 9.49 -6.18
N CYS A 259 16.41 8.46 -5.44
CA CYS A 259 15.84 8.23 -4.11
C CYS A 259 16.27 9.35 -3.16
N GLU A 260 17.54 9.75 -3.23
CA GLU A 260 18.03 10.82 -2.38
C GLU A 260 17.23 12.09 -2.60
N ALA A 261 16.92 12.40 -3.86
CA ALA A 261 16.18 13.60 -4.18
C ALA A 261 14.77 13.53 -3.59
N ARG A 262 14.14 12.36 -3.70
CA ARG A 262 12.83 12.16 -3.09
C ARG A 262 12.89 12.33 -1.57
N PHE A 263 13.82 11.65 -0.94
CA PHE A 263 13.99 11.71 0.51
C PHE A 263 14.23 13.15 0.96
N GLN A 264 15.08 13.89 0.25
CA GLN A 264 15.33 15.27 0.61
C GLN A 264 14.07 16.13 0.50
N ALA A 265 13.26 15.88 -0.53
CA ALA A 265 12.02 16.64 -0.71
C ALA A 265 11.04 16.36 0.43
N LEU A 266 10.96 15.09 0.84
CA LEU A 266 10.15 14.71 1.99
C LEU A 266 10.61 15.41 3.27
N LEU A 267 11.91 15.36 3.52
CA LEU A 267 12.47 16.01 4.71
C LEU A 267 12.25 17.52 4.67
N ASP A 268 12.38 18.11 3.49
CA ASP A 268 12.23 19.55 3.34
C ASP A 268 10.81 20.01 3.66
N SER A 269 9.84 19.11 3.51
CA SER A 269 8.44 19.47 3.79
C SER A 269 8.18 19.54 5.30
N MET A 270 9.13 19.08 6.09
CA MET A 270 8.94 19.02 7.54
C MET A 270 9.40 20.30 8.20
N PRO A 271 8.57 20.89 9.07
CA PRO A 271 8.99 22.13 9.73
C PRO A 271 10.02 21.85 10.81
N GLU A 272 10.60 22.91 11.37
CA GLU A 272 11.44 22.74 12.55
C GLU A 272 10.60 22.19 13.69
N ALA A 273 11.02 21.08 14.27
CA ALA A 273 10.31 20.50 15.41
C ALA A 273 10.41 21.42 16.63
N MET B 1 -3.67 26.96 -7.58
CA MET B 1 -4.97 27.42 -8.14
C MET B 1 -5.72 28.26 -7.11
N ASP B 2 -6.51 29.21 -7.60
CA ASP B 2 -7.32 30.05 -6.73
C ASP B 2 -8.48 29.23 -6.16
N ILE B 3 -8.72 29.43 -4.87
CA ILE B 3 -9.75 28.68 -4.18
C ILE B 3 -11.12 29.35 -4.31
N ALA B 4 -11.13 30.67 -4.48
CA ALA B 4 -12.40 31.38 -4.61
C ALA B 4 -13.21 30.85 -5.79
N GLY B 5 -14.47 30.50 -5.53
CA GLY B 5 -15.38 30.10 -6.59
C GLY B 5 -15.34 28.62 -6.92
N THR B 6 -14.57 27.86 -6.16
CA THR B 6 -14.47 26.41 -6.34
C THR B 6 -15.46 25.69 -5.45
N THR B 7 -15.68 24.42 -5.79
CA THR B 7 -16.35 23.48 -4.91
C THR B 7 -15.35 22.42 -4.45
N ALA B 8 -15.33 22.17 -3.14
CA ALA B 8 -14.50 21.14 -2.56
C ALA B 8 -15.36 20.00 -2.00
N PHE B 9 -14.99 18.77 -2.38
CA PHE B 9 -15.59 17.56 -1.89
C PHE B 9 -14.64 16.93 -0.89
N ILE B 10 -15.06 16.85 0.37
CA ILE B 10 -14.16 16.45 1.46
C ILE B 10 -14.67 15.20 2.18
N THR B 11 -13.96 14.08 2.03
CA THR B 11 -14.33 12.90 2.79
C THR B 11 -13.80 13.04 4.21
N GLY B 12 -14.58 12.52 5.16
CA GLY B 12 -14.30 12.74 6.56
C GLY B 12 -14.35 14.23 6.89
N GLY B 13 -15.15 14.97 6.12
CA GLY B 13 -15.20 16.41 6.24
C GLY B 13 -15.92 16.94 7.48
N ALA B 14 -16.58 16.06 8.22
CA ALA B 14 -17.43 16.48 9.34
C ALA B 14 -16.75 16.36 10.72
N SER B 15 -15.45 16.06 10.72
CA SER B 15 -14.69 15.98 11.97
C SER B 15 -13.20 16.20 11.74
N GLY B 16 -12.49 16.47 12.83
CA GLY B 16 -11.03 16.54 12.83
C GLY B 16 -10.41 17.32 11.69
N ILE B 17 -9.40 16.73 11.07
CA ILE B 17 -8.65 17.41 10.01
C ILE B 17 -9.53 17.83 8.84
N GLY B 18 -10.43 16.95 8.43
CA GLY B 18 -11.29 17.24 7.29
C GLY B 18 -12.16 18.45 7.55
N PHE B 19 -12.62 18.58 8.79
CA PHE B 19 -13.43 19.72 9.20
C PHE B 19 -12.59 21.00 9.28
N GLY B 20 -11.35 20.86 9.76
CA GLY B 20 -10.42 21.97 9.76
C GLY B 20 -10.17 22.47 8.34
N ILE B 21 -9.95 21.53 7.42
CA ILE B 21 -9.79 21.87 6.00
C ILE B 21 -11.05 22.54 5.47
N ALA B 22 -12.21 21.99 5.81
CA ALA B 22 -13.48 22.56 5.38
C ALA B 22 -13.62 24.03 5.77
N GLN B 23 -13.35 24.32 7.04
CA GLN B 23 -13.47 25.68 7.54
C GLN B 23 -12.60 26.64 6.77
N ARG B 24 -11.36 26.24 6.50
CA ARG B 24 -10.41 27.13 5.88
C ARG B 24 -10.66 27.29 4.38
N LEU B 25 -11.12 26.24 3.70
CA LEU B 25 -11.46 26.40 2.30
C LEU B 25 -12.67 27.32 2.16
N LEU B 26 -13.66 27.14 3.03
CA LEU B 26 -14.83 28.01 3.05
C LEU B 26 -14.41 29.46 3.26
N ALA B 27 -13.50 29.67 4.20
CA ALA B 27 -13.02 31.01 4.52
C ALA B 27 -12.31 31.64 3.33
N ASN B 28 -11.81 30.81 2.43
CA ASN B 28 -11.12 31.27 1.23
C ASN B 28 -12.02 31.29 0.00
N GLY B 29 -13.32 31.09 0.19
CA GLY B 29 -14.29 31.31 -0.86
C GLY B 29 -14.76 30.08 -1.62
N ALA B 30 -14.45 28.89 -1.10
CA ALA B 30 -14.94 27.65 -1.68
C ALA B 30 -16.33 27.30 -1.12
N ARG B 31 -17.11 26.56 -1.90
CA ARG B 31 -18.33 25.92 -1.39
C ARG B 31 -17.96 24.47 -1.09
N LEU B 32 -18.73 23.82 -0.21
CA LEU B 32 -18.33 22.53 0.35
C LEU B 32 -19.36 21.43 0.20
N VAL B 33 -18.86 20.23 -0.06
CA VAL B 33 -19.62 19.01 0.14
C VAL B 33 -18.85 18.17 1.16
N LEU B 34 -19.48 17.87 2.29
CA LEU B 34 -18.86 17.06 3.34
C LEU B 34 -19.43 15.66 3.26
N ALA B 35 -18.56 14.69 3.06
CA ALA B 35 -18.94 13.30 2.93
C ALA B 35 -18.39 12.53 4.11
N ASP B 36 -19.24 11.78 4.80
CA ASP B 36 -18.84 11.19 6.06
C ASP B 36 -19.75 10.02 6.40
N ILE B 37 -19.19 9.00 7.04
CA ILE B 37 -19.95 7.81 7.38
C ILE B 37 -20.77 8.02 8.65
N ARG B 38 -20.42 9.04 9.44
CA ARG B 38 -21.10 9.31 10.71
C ARG B 38 -22.16 10.41 10.56
N GLN B 39 -23.43 10.02 10.66
CA GLN B 39 -24.52 10.98 10.51
C GLN B 39 -24.48 12.05 11.60
N ASP B 40 -24.10 11.66 12.82
CA ASP B 40 -24.08 12.63 13.90
C ASP B 40 -22.96 13.65 13.68
N HIS B 41 -21.83 13.21 13.13
CA HIS B 41 -20.79 14.17 12.77
C HIS B 41 -21.30 15.16 11.73
N LEU B 42 -21.98 14.64 10.70
CA LEU B 42 -22.52 15.47 9.62
C LEU B 42 -23.49 16.52 10.16
N ASP B 43 -24.38 16.11 11.06
CA ASP B 43 -25.35 17.03 11.65
C ASP B 43 -24.64 18.13 12.44
N GLU B 44 -23.64 17.75 13.22
CA GLU B 44 -22.87 18.71 14.01
C GLU B 44 -22.20 19.72 13.12
N ALA B 45 -21.58 19.23 12.05
CA ALA B 45 -20.87 20.08 11.10
C ALA B 45 -21.83 21.04 10.40
N ARG B 46 -23.02 20.54 10.07
CA ARG B 46 -24.00 21.36 9.37
C ARG B 46 -24.48 22.48 10.29
N GLN B 47 -24.74 22.13 11.55
CA GLN B 47 -25.21 23.10 12.53
C GLN B 47 -24.14 24.17 12.77
N PHE B 48 -22.88 23.76 12.74
CA PHE B 48 -21.76 24.68 12.95
C PHE B 48 -21.74 25.79 11.91
N PHE B 49 -21.89 25.42 10.64
CA PHE B 49 -21.86 26.40 9.57
C PHE B 49 -23.17 27.18 9.48
N GLU B 50 -24.26 26.57 9.92
CA GLU B 50 -25.55 27.27 9.95
C GLU B 50 -25.56 28.37 11.01
N GLU B 51 -24.88 28.11 12.14
CA GLU B 51 -24.77 29.10 13.20
C GLU B 51 -24.00 30.34 12.74
N ARG B 52 -23.20 30.15 11.69
CA ARG B 52 -22.42 31.23 11.11
C ARG B 52 -23.02 31.66 9.76
N GLN B 53 -24.27 31.26 9.53
CA GLN B 53 -24.99 31.59 8.31
C GLN B 53 -24.20 31.27 7.04
N GLN B 54 -23.61 30.09 7.02
CA GLN B 54 -22.90 29.59 5.84
C GLN B 54 -23.54 28.33 5.30
N GLY B 55 -24.73 28.00 5.80
CA GLY B 55 -25.39 26.75 5.46
C GLY B 55 -25.67 26.55 3.97
N ARG B 56 -25.86 27.67 3.27
CA ARG B 56 -26.09 27.64 1.83
C ARG B 56 -24.90 27.06 1.08
N ASN B 57 -23.71 27.36 1.59
CA ASN B 57 -22.46 26.97 0.93
C ASN B 57 -21.95 25.60 1.34
N VAL B 58 -22.77 24.87 2.10
CA VAL B 58 -22.38 23.56 2.61
C VAL B 58 -23.46 22.53 2.34
N HIS B 59 -23.06 21.40 1.78
CA HIS B 59 -23.93 20.26 1.54
C HIS B 59 -23.35 19.05 2.24
N THR B 60 -24.19 18.16 2.74
CA THR B 60 -23.71 16.95 3.41
C THR B 60 -24.22 15.69 2.73
N ILE B 61 -23.35 14.69 2.66
CA ILE B 61 -23.68 13.38 2.11
C ILE B 61 -23.16 12.30 3.05
N ARG B 62 -24.03 11.40 3.50
CA ARG B 62 -23.59 10.27 4.30
C ARG B 62 -23.18 9.12 3.38
N LEU B 63 -21.94 8.66 3.55
CA LEU B 63 -21.45 7.56 2.75
C LEU B 63 -20.24 6.87 3.37
N ASP B 64 -19.92 5.71 2.80
CA ASP B 64 -18.73 4.94 3.12
C ASP B 64 -17.80 5.02 1.92
N VAL B 65 -16.62 5.59 2.10
CA VAL B 65 -15.69 5.79 0.99
C VAL B 65 -15.24 4.47 0.37
N SER B 66 -15.39 3.37 1.10
CA SER B 66 -15.03 2.06 0.56
C SER B 66 -16.17 1.38 -0.20
N ASP B 67 -17.29 2.08 -0.35
CA ASP B 67 -18.40 1.59 -1.17
C ASP B 67 -18.38 2.33 -2.52
N ARG B 68 -17.98 1.63 -3.57
CA ARG B 68 -17.80 2.27 -4.86
C ARG B 68 -19.09 2.79 -5.47
N ALA B 69 -20.20 2.09 -5.21
CA ALA B 69 -21.50 2.54 -5.69
C ALA B 69 -21.87 3.87 -5.03
N GLN B 70 -21.65 3.98 -3.71
CA GLN B 70 -21.97 5.21 -3.01
C GLN B 70 -21.09 6.35 -3.49
N MET B 71 -19.83 6.05 -3.80
CA MET B 71 -18.92 7.06 -4.29
C MET B 71 -19.31 7.56 -5.69
N ALA B 72 -19.74 6.65 -6.55
CA ALA B 72 -20.21 7.05 -7.88
C ALA B 72 -21.46 7.95 -7.75
N GLU B 73 -22.37 7.56 -6.88
CA GLU B 73 -23.59 8.35 -6.66
C GLU B 73 -23.22 9.73 -6.09
N ALA B 74 -22.24 9.75 -5.19
CA ALA B 74 -21.81 11.00 -4.57
C ALA B 74 -21.18 11.96 -5.58
N ALA B 75 -20.46 11.42 -6.56
CA ALA B 75 -19.87 12.26 -7.60
C ALA B 75 -20.98 12.93 -8.39
N ARG B 76 -22.04 12.18 -8.67
CA ARG B 76 -23.15 12.73 -9.42
C ARG B 76 -23.86 13.78 -8.57
N GLU B 77 -24.05 13.47 -7.29
CA GLU B 77 -24.80 14.35 -6.42
C GLU B 77 -24.03 15.66 -6.19
N CYS B 78 -22.72 15.56 -6.01
CA CYS B 78 -21.89 16.76 -5.86
C CYS B 78 -22.05 17.69 -7.05
N GLU B 79 -21.90 17.14 -8.26
CA GLU B 79 -22.00 17.95 -9.46
C GLU B 79 -23.38 18.57 -9.57
N ALA B 80 -24.43 17.80 -9.29
CA ALA B 80 -25.79 18.27 -9.48
C ALA B 80 -26.17 19.36 -8.46
N VAL B 81 -25.68 19.23 -7.24
CA VAL B 81 -26.10 20.12 -6.15
C VAL B 81 -25.15 21.32 -5.98
N MET B 82 -23.86 21.05 -5.93
CA MET B 82 -22.86 22.07 -5.61
C MET B 82 -21.90 22.39 -6.75
N GLY B 83 -22.01 21.65 -7.85
CA GLY B 83 -21.09 21.80 -8.96
C GLY B 83 -19.78 21.05 -8.73
N GLY B 84 -19.08 20.73 -9.80
CA GLY B 84 -17.75 20.16 -9.68
C GLY B 84 -17.71 18.75 -9.12
N PRO B 85 -16.79 18.48 -8.19
CA PRO B 85 -15.90 19.39 -7.45
C PRO B 85 -14.65 19.75 -8.24
N ASP B 86 -14.06 20.89 -7.89
CA ASP B 86 -12.75 21.30 -8.40
C ASP B 86 -11.64 20.78 -7.50
N ILE B 87 -11.96 20.68 -6.21
CA ILE B 87 -11.01 20.25 -5.21
C ILE B 87 -11.53 18.95 -4.57
N LEU B 88 -10.70 17.92 -4.59
CA LEU B 88 -11.04 16.61 -4.07
C LEU B 88 -10.16 16.33 -2.87
N ILE B 89 -10.76 16.22 -1.69
CA ILE B 89 -9.99 15.91 -0.48
C ILE B 89 -10.36 14.50 -0.01
N ASN B 90 -9.45 13.56 -0.26
CA ASN B 90 -9.61 12.17 0.18
C ASN B 90 -8.95 12.05 1.54
N ASN B 91 -9.71 12.37 2.58
CA ASN B 91 -9.15 12.56 3.91
C ASN B 91 -9.64 11.54 4.95
N ALA B 92 -10.83 10.96 4.73
CA ALA B 92 -11.38 9.99 5.67
C ALA B 92 -10.37 8.89 5.98
N GLY B 93 -10.30 8.51 7.24
CA GLY B 93 -9.45 7.42 7.66
C GLY B 93 -9.82 6.95 9.04
N ILE B 94 -9.29 5.78 9.41
CA ILE B 94 -9.54 5.20 10.72
C ILE B 94 -8.26 4.56 11.26
N ASP B 95 -8.27 4.25 12.55
CA ASP B 95 -7.13 3.60 13.21
C ASP B 95 -7.43 2.11 13.45
N PRO B 96 -6.84 1.22 12.63
CA PRO B 96 -7.04 -0.22 12.73
C PRO B 96 -5.97 -0.91 13.56
N SER B 97 -5.34 -0.18 14.47
CA SER B 97 -4.18 -0.73 15.17
C SER B 97 -4.56 -1.69 16.29
N GLY B 98 -3.61 -2.52 16.70
CA GLY B 98 -3.80 -3.48 17.76
C GLY B 98 -2.68 -4.51 17.72
N PRO B 99 -2.62 -5.38 18.73
CA PRO B 99 -1.61 -6.44 18.77
C PRO B 99 -1.59 -7.20 17.46
N PHE B 100 -0.42 -7.28 16.81
CA PHE B 100 -0.36 -7.81 15.46
C PHE B 100 -0.87 -9.25 15.37
N LYS B 101 -0.59 -10.06 16.37
CA LYS B 101 -1.03 -11.46 16.35
C LYS B 101 -2.54 -11.60 16.46
N ASP B 102 -3.21 -10.57 16.96
CA ASP B 102 -4.66 -10.60 17.13
C ASP B 102 -5.41 -10.21 15.86
N ALA B 103 -4.75 -9.48 14.96
CA ALA B 103 -5.38 -8.99 13.74
C ALA B 103 -5.81 -10.15 12.84
N THR B 104 -7.02 -10.03 12.29
CA THR B 104 -7.57 -11.07 11.40
C THR B 104 -7.67 -10.51 9.99
N TYR B 105 -8.07 -11.35 9.04
CA TYR B 105 -8.28 -10.87 7.67
C TYR B 105 -9.29 -9.72 7.64
N GLN B 106 -10.30 -9.79 8.49
CA GLN B 106 -11.29 -8.71 8.55
C GLN B 106 -10.64 -7.38 8.91
N ASP B 107 -9.66 -7.40 9.80
CA ASP B 107 -8.95 -6.18 10.19
C ASP B 107 -8.06 -5.65 9.06
N TRP B 108 -7.37 -6.54 8.37
CA TRP B 108 -6.60 -6.12 7.19
C TRP B 108 -7.51 -5.53 6.12
N ASP B 109 -8.63 -6.20 5.83
CA ASP B 109 -9.52 -5.73 4.79
C ASP B 109 -10.12 -4.37 5.15
N TYR B 110 -10.49 -4.21 6.41
CA TYR B 110 -11.02 -2.95 6.93
C TYR B 110 -9.99 -1.83 6.77
N GLY B 111 -8.80 -2.06 7.30
CA GLY B 111 -7.76 -1.06 7.29
C GLY B 111 -7.37 -0.62 5.89
N LEU B 112 -7.24 -1.57 4.98
CA LEU B 112 -6.87 -1.23 3.61
C LEU B 112 -8.04 -0.63 2.86
N ALA B 113 -9.26 -1.09 3.14
CA ALA B 113 -10.44 -0.58 2.45
C ALA B 113 -10.61 0.90 2.67
N ILE B 114 -10.53 1.34 3.93
CA ILE B 114 -10.78 2.75 4.23
C ILE B 114 -9.59 3.60 3.86
N ASN B 115 -8.41 3.20 4.34
CA ASN B 115 -7.27 4.12 4.27
C ASN B 115 -6.51 4.08 2.95
N LEU B 116 -6.67 3.02 2.16
CA LEU B 116 -6.04 2.95 0.84
C LEU B 116 -7.08 2.95 -0.27
N MET B 117 -8.10 2.09 -0.19
CA MET B 117 -9.07 2.06 -1.28
C MET B 117 -10.00 3.29 -1.25
N GLY B 118 -10.17 3.93 -0.09
CA GLY B 118 -10.96 5.15 -0.04
C GLY B 118 -10.42 6.21 -1.00
N PRO B 119 -9.15 6.57 -0.84
CA PRO B 119 -8.55 7.53 -1.78
C PRO B 119 -8.57 7.06 -3.24
N ILE B 120 -8.31 5.79 -3.48
CA ILE B 120 -8.36 5.26 -4.84
C ILE B 120 -9.76 5.42 -5.42
N ASN B 121 -10.78 5.06 -4.63
CA ASN B 121 -12.17 5.20 -5.08
C ASN B 121 -12.51 6.66 -5.37
N GLY B 122 -11.99 7.57 -4.57
CA GLY B 122 -12.22 8.98 -4.82
C GLY B 122 -11.64 9.42 -6.15
N ILE B 123 -10.40 9.01 -6.39
CA ILE B 123 -9.75 9.30 -7.66
C ILE B 123 -10.54 8.72 -8.82
N MET B 124 -10.91 7.45 -8.71
CA MET B 124 -11.58 6.79 -9.82
C MET B 124 -12.98 7.36 -10.09
N ALA B 125 -13.68 7.76 -9.03
CA ALA B 125 -15.06 8.21 -9.18
C ALA B 125 -15.13 9.66 -9.61
N PHE B 126 -14.19 10.48 -9.16
CA PHE B 126 -14.27 11.93 -9.35
C PHE B 126 -13.35 12.50 -10.44
N THR B 127 -12.19 11.92 -10.68
CA THR B 127 -11.27 12.61 -11.60
C THR B 127 -11.73 12.56 -13.07
N PRO B 128 -12.54 11.56 -13.48
CA PRO B 128 -12.99 11.68 -14.88
C PRO B 128 -13.75 12.98 -15.15
N GLY B 129 -14.62 13.37 -14.23
CA GLY B 129 -15.36 14.62 -14.34
C GLY B 129 -14.48 15.85 -14.22
N MET B 130 -13.49 15.77 -13.33
CA MET B 130 -12.57 16.88 -13.14
C MET B 130 -11.79 17.14 -14.43
N ARG B 131 -11.39 16.07 -15.11
CA ARG B 131 -10.73 16.22 -16.40
C ARG B 131 -11.69 16.80 -17.44
N ALA B 132 -12.89 16.25 -17.51
CA ALA B 132 -13.83 16.58 -18.57
C ALA B 132 -14.30 18.03 -18.50
N ARG B 133 -14.46 18.55 -17.29
CA ARG B 133 -14.96 19.92 -17.15
C ARG B 133 -13.89 20.91 -17.57
N GLY B 134 -12.64 20.46 -17.60
CA GLY B 134 -11.56 21.23 -18.20
C GLY B 134 -11.21 22.53 -17.53
N ARG B 135 -11.50 22.69 -16.24
CA ARG B 135 -11.09 23.88 -15.50
C ARG B 135 -10.08 23.57 -14.40
N GLY B 136 -9.34 22.49 -14.57
CA GLY B 136 -8.31 22.13 -13.63
C GLY B 136 -8.90 21.69 -12.31
N GLY B 137 -8.06 21.60 -11.30
CA GLY B 137 -8.51 21.20 -9.99
C GLY B 137 -7.34 20.81 -9.14
N HIS B 138 -7.63 20.20 -8.00
CA HIS B 138 -6.58 19.74 -7.10
C HIS B 138 -7.08 18.57 -6.29
N ILE B 139 -6.18 17.63 -6.00
CA ILE B 139 -6.47 16.49 -5.14
C ILE B 139 -5.55 16.49 -3.92
N VAL B 140 -6.14 16.39 -2.74
CA VAL B 140 -5.38 16.20 -1.50
C VAL B 140 -5.73 14.85 -0.91
N ASN B 141 -4.70 14.03 -0.69
CA ASN B 141 -4.85 12.74 0.00
C ASN B 141 -4.23 12.84 1.38
N THR B 142 -4.98 12.49 2.40
CA THR B 142 -4.43 12.53 3.75
C THR B 142 -3.80 11.19 4.07
N ALA B 143 -2.47 11.18 4.10
CA ALA B 143 -1.73 9.99 4.51
C ALA B 143 -1.41 10.14 6.00
N SER B 144 -0.13 10.04 6.36
CA SER B 144 0.34 10.18 7.75
C SER B 144 1.86 10.12 7.75
N LEU B 145 2.49 10.75 8.74
CA LEU B 145 3.92 10.56 8.91
C LEU B 145 4.19 9.09 9.30
N ALA B 146 3.17 8.40 9.80
CA ALA B 146 3.28 6.97 10.08
C ALA B 146 3.50 6.15 8.81
N GLY B 147 3.28 6.77 7.66
CA GLY B 147 3.56 6.13 6.38
C GLY B 147 5.00 6.29 5.94
N LEU B 148 5.79 7.03 6.71
CA LEU B 148 7.15 7.37 6.32
C LEU B 148 8.20 6.97 7.35
N THR B 149 7.95 7.29 8.62
CA THR B 149 8.88 6.96 9.68
C THR B 149 8.65 5.50 10.12
N PRO B 150 9.72 4.79 10.55
CA PRO B 150 9.49 3.39 10.95
C PRO B 150 8.47 3.26 12.06
N MET B 151 7.55 2.31 11.91
CA MET B 151 6.49 2.07 12.87
C MET B 151 6.57 0.63 13.39
N PRO B 152 6.06 0.40 14.61
CA PRO B 152 5.99 -0.93 15.23
C PRO B 152 4.84 -1.77 14.70
N SER B 153 4.87 -3.06 14.99
CA SER B 153 3.92 -4.01 14.44
C SER B 153 2.47 -3.73 14.87
N PHE B 154 2.31 -3.13 16.05
CA PHE B 154 1.00 -2.71 16.55
C PHE B 154 0.27 -1.81 15.54
N MET B 155 1.02 -1.10 14.71
CA MET B 155 0.43 -0.20 13.72
C MET B 155 0.71 -0.63 12.28
N ALA B 156 0.89 -1.94 12.08
CA ALA B 156 1.23 -2.47 10.75
C ALA B 156 0.19 -2.12 9.68
N ILE B 157 -1.09 -2.30 9.99
CA ILE B 157 -2.13 -2.13 8.97
C ILE B 157 -2.22 -0.66 8.59
N TYR B 158 -2.17 0.21 9.59
CA TYR B 158 -2.20 1.64 9.36
C TYR B 158 -1.01 2.12 8.53
N ALA B 159 0.19 1.77 8.97
CA ALA B 159 1.40 2.25 8.32
C ALA B 159 1.48 1.77 6.87
N THR B 160 1.10 0.52 6.65
CA THR B 160 1.16 -0.08 5.32
C THR B 160 0.27 0.70 4.35
N ALA B 161 -0.96 0.97 4.76
CA ALA B 161 -1.89 1.73 3.92
C ALA B 161 -1.40 3.16 3.70
N LYS B 162 -0.89 3.81 4.73
CA LYS B 162 -0.49 5.20 4.60
C LYS B 162 0.74 5.37 3.71
N ALA B 163 1.69 4.43 3.78
CA ALA B 163 2.84 4.47 2.87
C ALA B 163 2.36 4.37 1.42
N ALA B 164 1.36 3.53 1.19
CA ALA B 164 0.82 3.37 -0.15
C ALA B 164 0.15 4.65 -0.65
N VAL B 165 -0.49 5.39 0.24
CA VAL B 165 -1.15 6.63 -0.13
C VAL B 165 -0.13 7.69 -0.55
N ILE B 166 1.03 7.72 0.11
CA ILE B 166 2.08 8.66 -0.27
C ILE B 166 2.53 8.36 -1.71
N THR B 167 2.82 7.09 -1.97
CA THR B 167 3.31 6.67 -3.28
C THR B 167 2.24 6.84 -4.36
N LEU B 168 1.01 6.52 -4.03
CA LEU B 168 -0.13 6.75 -4.92
C LEU B 168 -0.15 8.19 -5.39
N THR B 169 -0.04 9.11 -4.46
CA THR B 169 -0.10 10.53 -4.75
C THR B 169 1.07 10.96 -5.64
N GLU B 170 2.28 10.51 -5.31
CA GLU B 170 3.44 10.80 -6.15
C GLU B 170 3.24 10.33 -7.58
N THR B 171 2.75 9.11 -7.76
CA THR B 171 2.72 8.51 -9.10
C THR B 171 1.63 9.11 -9.96
N ILE B 172 0.50 9.52 -9.39
CA ILE B 172 -0.57 10.05 -10.23
C ILE B 172 -0.32 11.49 -10.68
N ARG B 173 0.69 12.13 -10.09
CA ARG B 173 0.90 13.57 -10.34
C ARG B 173 0.97 13.91 -11.82
N ASP B 174 1.77 13.17 -12.59
CA ASP B 174 1.95 13.54 -14.00
C ASP B 174 0.70 13.30 -14.83
N SER B 175 -0.12 12.32 -14.45
CA SER B 175 -1.37 12.07 -15.16
C SER B 175 -2.36 13.19 -14.92
N MET B 176 -2.50 13.57 -13.66
CA MET B 176 -3.42 14.64 -13.30
C MET B 176 -2.97 15.97 -13.90
N ALA B 177 -1.65 16.15 -13.98
CA ALA B 177 -1.08 17.37 -14.55
C ALA B 177 -1.52 17.59 -16.00
N GLU B 178 -1.80 16.51 -16.73
CA GLU B 178 -2.26 16.60 -18.12
C GLU B 178 -3.48 17.50 -18.25
N ASP B 179 -4.30 17.50 -17.20
CA ASP B 179 -5.53 18.26 -17.20
C ASP B 179 -5.53 19.36 -16.13
N ASN B 180 -4.34 19.86 -15.81
CA ASN B 180 -4.17 20.97 -14.88
C ASN B 180 -4.76 20.69 -13.51
N ILE B 181 -4.65 19.42 -13.10
CA ILE B 181 -5.04 18.99 -11.76
C ILE B 181 -3.78 18.73 -10.96
N GLY B 182 -3.57 19.52 -9.90
CA GLY B 182 -2.45 19.32 -9.00
C GLY B 182 -2.78 18.30 -7.92
N VAL B 183 -1.75 17.76 -7.27
CA VAL B 183 -1.95 16.81 -6.18
C VAL B 183 -1.05 17.14 -4.98
N THR B 184 -1.55 16.79 -3.80
CA THR B 184 -0.84 16.97 -2.55
C THR B 184 -1.07 15.74 -1.69
N VAL B 185 -0.01 15.23 -1.06
CA VAL B 185 -0.20 14.28 0.02
C VAL B 185 0.15 14.95 1.34
N LEU B 186 -0.85 14.93 2.22
CA LEU B 186 -0.76 15.50 3.56
C LEU B 186 -0.31 14.41 4.53
N MET B 187 0.77 14.69 5.27
CA MET B 187 1.37 13.73 6.19
C MET B 187 1.39 14.34 7.59
N PRO B 188 0.31 14.16 8.34
CA PRO B 188 0.30 14.80 9.66
C PRO B 188 1.01 14.01 10.74
N GLY B 189 1.49 14.76 11.73
CA GLY B 189 1.79 14.25 13.06
C GLY B 189 0.51 14.35 13.87
N PRO B 190 0.63 14.40 15.20
CA PRO B 190 -0.57 14.40 16.06
C PRO B 190 -1.44 15.65 15.94
N ILE B 191 -2.68 15.45 15.51
CA ILE B 191 -3.68 16.50 15.38
C ILE B 191 -4.88 16.19 16.26
N LYS B 192 -5.43 17.19 16.93
CA LYS B 192 -6.65 17.00 17.71
C LYS B 192 -7.78 16.56 16.78
N SER B 193 -8.45 15.48 17.13
CA SER B 193 -9.51 14.93 16.29
C SER B 193 -10.31 13.90 17.06
N ARG B 194 -11.18 13.19 16.34
CA ARG B 194 -12.03 12.16 16.96
C ARG B 194 -11.72 10.78 16.39
N ILE B 195 -10.50 10.60 15.91
CA ILE B 195 -10.10 9.32 15.31
C ILE B 195 -10.09 8.21 16.37
N HIS B 196 -10.08 8.60 17.64
CA HIS B 196 -10.18 7.61 18.72
C HIS B 196 -11.56 6.92 18.72
N GLU B 197 -12.51 7.48 17.97
CA GLU B 197 -13.83 6.88 17.81
C GLU B 197 -13.86 5.87 16.65
N SER B 198 -12.69 5.42 16.21
CA SER B 198 -12.61 4.60 14.99
C SER B 198 -13.47 3.33 15.08
N GLY B 199 -13.58 2.75 16.27
CA GLY B 199 -14.39 1.56 16.45
C GLY B 199 -15.82 1.78 16.01
N GLN B 200 -16.36 2.97 16.32
CA GLN B 200 -17.71 3.37 15.90
C GLN B 200 -17.84 3.52 14.40
N ASN B 201 -16.72 3.83 13.74
CA ASN B 201 -16.71 4.19 12.33
C ASN B 201 -16.47 2.99 11.43
N ARG B 202 -16.07 1.86 12.03
CA ARG B 202 -15.83 0.64 11.25
C ARG B 202 -17.12 0.21 10.55
N PRO B 203 -17.07 0.09 9.22
CA PRO B 203 -18.29 -0.38 8.52
C PRO B 203 -18.79 -1.73 9.01
N GLU B 204 -20.10 -1.93 8.95
CA GLU B 204 -20.73 -3.12 9.49
C GLU B 204 -20.10 -4.42 9.00
N ARG B 205 -19.77 -4.48 7.71
CA ARG B 205 -19.33 -5.73 7.11
C ARG B 205 -17.95 -6.18 7.61
N PHE B 206 -17.22 -5.29 8.28
CA PHE B 206 -15.90 -5.63 8.81
C PHE B 206 -15.89 -5.94 10.30
N ARG B 207 -17.06 -5.99 10.92
CA ARG B 207 -17.11 -6.14 12.37
C ARG B 207 -17.00 -7.59 12.81
N ALA B 208 -17.81 -8.47 12.21
CA ALA B 208 -17.80 -9.87 12.60
C ALA B 208 -16.46 -10.52 12.25
N GLY B 209 -15.83 -11.14 13.24
CA GLY B 209 -14.56 -11.82 13.01
C GLY B 209 -13.35 -10.93 13.14
N SER B 210 -13.56 -9.69 13.59
CA SER B 210 -12.45 -8.83 13.93
C SER B 210 -11.76 -9.37 15.17
N GLY B 211 -10.45 -9.16 15.27
CA GLY B 211 -9.70 -9.59 16.44
C GLY B 211 -9.31 -8.45 17.36
N LEU B 212 -9.75 -7.23 17.01
CA LEU B 212 -9.23 -6.02 17.66
C LEU B 212 -10.28 -5.18 18.38
N ALA B 213 -11.43 -5.78 18.68
CA ALA B 213 -12.50 -5.03 19.34
C ALA B 213 -12.01 -4.45 20.67
N GLU B 214 -11.24 -5.24 21.42
CA GLU B 214 -10.73 -4.81 22.71
C GLU B 214 -9.82 -3.58 22.57
N THR B 215 -9.02 -3.54 21.51
CA THR B 215 -8.17 -2.38 21.29
C THR B 215 -9.01 -1.16 20.93
N GLU B 216 -10.07 -1.37 20.15
CA GLU B 216 -10.93 -0.26 19.74
C GLU B 216 -11.62 0.34 20.96
N GLN B 217 -11.94 -0.52 21.94
CA GLN B 217 -12.55 -0.09 23.20
C GLN B 217 -11.63 0.83 23.99
N GLN B 218 -10.37 0.42 24.11
CA GLN B 218 -9.38 1.20 24.83
C GLN B 218 -9.10 2.49 24.10
N LEU B 219 -9.01 2.41 22.78
CA LEU B 219 -8.77 3.59 21.96
C LEU B 219 -9.86 4.64 22.21
N ALA B 220 -11.11 4.17 22.35
CA ALA B 220 -12.25 5.06 22.55
C ALA B 220 -12.11 5.93 23.79
N LYS B 221 -11.27 5.50 24.73
CA LYS B 221 -11.11 6.20 26.01
C LYS B 221 -9.89 7.12 26.02
N ARG B 222 -9.14 7.14 24.91
CA ARG B 222 -7.90 7.92 24.85
C ARG B 222 -8.20 9.42 24.90
N VAL B 223 -7.48 10.14 25.75
CA VAL B 223 -7.64 11.58 25.89
C VAL B 223 -6.87 12.33 24.81
N VAL B 224 -7.54 13.31 24.19
CA VAL B 224 -6.90 14.18 23.22
C VAL B 224 -5.97 15.16 23.94
N ALA B 225 -4.69 15.10 23.62
CA ALA B 225 -3.70 15.96 24.28
C ALA B 225 -3.85 17.42 23.84
N ASP B 226 -3.65 18.34 24.79
CA ASP B 226 -3.81 19.77 24.50
C ASP B 226 -2.68 20.34 23.65
N ASN B 227 -1.57 19.61 23.54
CA ASN B 227 -0.43 20.07 22.74
C ASN B 227 -0.45 19.53 21.31
N TRP B 228 -1.45 18.73 20.97
CA TRP B 228 -1.62 18.30 19.59
C TRP B 228 -2.09 19.52 18.78
N MET B 229 -1.84 19.46 17.48
CA MET B 229 -2.12 20.58 16.59
C MET B 229 -3.62 20.75 16.35
N GLU B 230 -4.04 22.00 16.14
CA GLU B 230 -5.43 22.27 15.81
C GLU B 230 -5.71 21.96 14.34
N PRO B 231 -6.87 21.34 14.04
CA PRO B 231 -7.24 21.10 12.64
C PRO B 231 -7.22 22.34 11.73
N THR B 232 -7.61 23.50 12.23
CA THR B 232 -7.60 24.69 11.38
C THR B 232 -6.18 25.08 10.97
N GLU B 233 -5.17 24.73 11.77
CA GLU B 233 -3.81 25.01 11.37
C GLU B 233 -3.43 24.13 10.19
N VAL B 234 -3.87 22.88 10.23
CA VAL B 234 -3.66 21.97 9.11
C VAL B 234 -4.41 22.48 7.89
N GLY B 235 -5.62 23.00 8.11
CA GLY B 235 -6.41 23.57 7.03
C GLY B 235 -5.66 24.65 6.27
N ASP B 236 -4.99 25.52 7.01
CA ASP B 236 -4.22 26.59 6.40
C ASP B 236 -3.04 26.05 5.60
N MET B 237 -2.43 24.96 6.05
CA MET B 237 -1.35 24.35 5.31
C MET B 237 -1.87 23.82 3.98
N ILE B 238 -3.10 23.32 3.97
CA ILE B 238 -3.69 22.75 2.76
C ILE B 238 -4.12 23.87 1.79
N VAL B 239 -4.63 24.97 2.33
CA VAL B 239 -4.90 26.13 1.49
C VAL B 239 -3.63 26.50 0.75
N ASP B 240 -2.53 26.58 1.49
CA ASP B 240 -1.24 26.97 0.95
C ASP B 240 -0.78 25.98 -0.13
N ALA B 241 -0.98 24.70 0.12
CA ALA B 241 -0.54 23.66 -0.81
C ALA B 241 -1.35 23.70 -2.10
N ILE B 242 -2.64 24.00 -1.99
CA ILE B 242 -3.50 24.08 -3.16
C ILE B 242 -3.16 25.31 -4.00
N VAL B 243 -2.97 26.44 -3.33
CA VAL B 243 -2.62 27.68 -4.03
C VAL B 243 -1.29 27.54 -4.78
N HIS B 244 -0.31 26.90 -4.13
CA HIS B 244 1.05 26.86 -4.67
C HIS B 244 1.44 25.50 -5.27
N ASN B 245 0.46 24.61 -5.41
CA ASN B 245 0.65 23.27 -5.98
C ASN B 245 1.82 22.50 -5.35
N LYS B 246 1.80 22.38 -4.04
CA LYS B 246 2.84 21.69 -3.28
C LYS B 246 2.54 20.20 -3.16
N LEU B 247 3.48 19.36 -3.57
CA LEU B 247 3.28 17.92 -3.53
C LEU B 247 3.20 17.38 -2.11
N TYR B 248 4.09 17.86 -1.23
CA TYR B 248 4.20 17.34 0.12
C TYR B 248 3.84 18.39 1.16
N VAL B 249 3.01 18.00 2.11
CA VAL B 249 2.76 18.78 3.29
C VAL B 249 2.93 17.90 4.52
N SER B 250 3.89 18.27 5.38
CA SER B 250 4.07 17.64 6.67
C SER B 250 3.76 18.65 7.77
N THR B 251 3.04 18.20 8.81
CA THR B 251 2.58 19.13 9.83
C THR B 251 3.57 19.26 11.00
N HIS B 252 4.41 18.23 11.17
CA HIS B 252 5.36 18.16 12.28
C HIS B 252 6.75 17.77 11.79
N GLY B 253 7.77 18.24 12.51
CA GLY B 253 9.15 17.89 12.21
C GLY B 253 9.79 16.91 13.18
N ASN B 254 8.98 16.36 14.07
CA ASN B 254 9.51 15.54 15.16
C ASN B 254 10.10 14.21 14.72
N TRP B 255 9.78 13.78 13.50
CA TRP B 255 10.26 12.51 12.98
C TRP B 255 11.28 12.71 11.85
N ARG B 256 11.89 13.89 11.79
CA ARG B 256 12.90 14.16 10.79
C ARG B 256 14.09 13.19 10.95
N GLU B 257 14.58 13.04 12.17
CA GLU B 257 15.77 12.21 12.40
C GLU B 257 15.48 10.73 12.22
N THR B 258 14.29 10.29 12.60
CA THR B 258 13.93 8.89 12.46
C THR B 258 13.74 8.55 10.98
N CYS B 259 13.16 9.47 10.23
CA CYS B 259 13.03 9.30 8.79
C CYS B 259 14.40 9.28 8.13
N GLU B 260 15.27 10.22 8.52
CA GLU B 260 16.62 10.25 7.99
C GLU B 260 17.35 8.92 8.21
N ALA B 261 17.21 8.33 9.38
CA ALA B 261 17.90 7.06 9.65
C ALA B 261 17.33 5.94 8.78
N ARG B 262 16.02 5.95 8.56
CA ARG B 262 15.39 4.97 7.68
C ARG B 262 15.92 5.14 6.27
N PHE B 263 15.88 6.37 5.77
CA PHE B 263 16.36 6.68 4.43
C PHE B 263 17.82 6.27 4.27
N GLN B 264 18.63 6.52 5.29
CA GLN B 264 20.03 6.13 5.24
C GLN B 264 20.20 4.62 5.12
N ALA B 265 19.39 3.88 5.88
CA ALA B 265 19.48 2.41 5.87
C ALA B 265 19.06 1.87 4.50
N LEU B 266 18.06 2.49 3.89
CA LEU B 266 17.63 2.11 2.56
C LEU B 266 18.74 2.37 1.54
N LEU B 267 19.35 3.56 1.59
CA LEU B 267 20.43 3.87 0.66
C LEU B 267 21.61 2.92 0.87
N ASP B 268 21.89 2.60 2.13
CA ASP B 268 23.02 1.74 2.46
C ASP B 268 22.86 0.31 1.92
N SER B 269 21.61 -0.11 1.68
CA SER B 269 21.35 -1.44 1.13
C SER B 269 21.65 -1.50 -0.36
N MET B 270 21.87 -0.33 -0.97
CA MET B 270 22.11 -0.26 -2.41
C MET B 270 23.59 -0.42 -2.71
N PRO B 271 23.94 -1.31 -3.66
CA PRO B 271 25.33 -1.39 -4.08
C PRO B 271 25.74 -0.15 -4.87
N GLU B 272 27.00 -0.11 -5.30
CA GLU B 272 27.43 0.97 -6.17
C GLU B 272 26.95 0.73 -7.59
N ALA B 273 26.44 1.79 -8.23
CA ALA B 273 25.86 1.67 -9.56
C ALA B 273 26.93 1.35 -10.62
#